data_3DXQ
#
_entry.id   3DXQ
#
_cell.length_a   102.070
_cell.length_b   173.620
_cell.length_c   39.930
_cell.angle_alpha   90.000
_cell.angle_beta   90.000
_cell.angle_gamma   90.000
#
_symmetry.space_group_name_H-M   'P 21 21 2'
#
_entity_poly.entity_id   1
_entity_poly.type   'polypeptide(L)'
_entity_poly.pdbx_seq_one_letter_code
;G(MSE)(MSE)TDEARAKLAAIP(MSE)LAGYTGPLERLGGLTNLVFRAGDLCLRIPGKGTEEYINRANEAVAAREAAKA
GVSPEVLHVDPATGV(MSE)VTRYIAGAQT(MSE)SPEKFKTRPGSPARAGEAFRKLHGSGAVFPFRFELFA(MSE)IDD
YLKVLSTKNVTLPAGYHDVVREAGGVRSALAAHPLPLAACHCDPLCENFLDTGER(MSE)WIVDWEYSG(MSE)NDPLWD
LGDLSVEGKFNANQDEEL(MSE)RAYFGGEARPAERGRVVIYKA(MSE)CDLLWTLWGLIQLANDNPVDDFRAYADGRFA
RCKAL(MSE)ETPEFSRHLAAVR(MSE)G
;
_entity_poly.pdbx_strand_id   A,B
#
# COMPACT_ATOMS: atom_id res chain seq x y z
N THR A 4 -32.24 10.29 30.44
CA THR A 4 -31.24 10.04 31.50
C THR A 4 -31.62 8.86 32.41
N ASP A 5 -32.91 8.72 32.67
CA ASP A 5 -33.39 7.62 33.50
C ASP A 5 -33.17 6.28 32.81
N GLU A 6 -33.45 6.24 31.50
CA GLU A 6 -33.21 5.05 30.68
C GLU A 6 -31.75 4.61 30.87
N ALA A 7 -30.85 5.60 30.81
CA ALA A 7 -29.40 5.39 30.98
C ALA A 7 -29.00 4.91 32.38
N ARG A 8 -29.53 5.57 33.40
CA ARG A 8 -29.24 5.19 34.77
C ARG A 8 -29.82 3.81 35.13
N ALA A 9 -30.76 3.33 34.32
CA ALA A 9 -31.27 1.98 34.45
C ALA A 9 -30.14 1.01 34.09
N LYS A 10 -29.52 1.24 32.92
CA LYS A 10 -28.46 0.36 32.44
C LYS A 10 -27.30 0.18 33.42
N LEU A 11 -27.04 1.20 34.25
CA LEU A 11 -25.97 1.11 35.23
C LEU A 11 -26.03 -0.14 36.09
N ALA A 12 -27.23 -0.51 36.52
CA ALA A 12 -27.44 -1.71 37.34
C ALA A 12 -26.57 -2.83 36.82
N ALA A 13 -26.78 -3.16 35.54
CA ALA A 13 -26.01 -4.18 34.85
C ALA A 13 -24.54 -4.02 35.13
N ILE A 14 -23.92 -2.94 34.62
CA ILE A 14 -22.47 -2.81 34.68
C ILE A 14 -21.93 -2.65 36.10
N PRO A 15 -21.20 -3.65 36.61
CA PRO A 15 -20.64 -3.58 37.97
C PRO A 15 -19.76 -2.36 38.21
N LEU A 17 -19.92 0.61 36.94
CA LEU A 17 -20.69 1.83 37.04
C LEU A 17 -21.77 1.76 38.12
N ALA A 18 -22.22 0.56 38.49
CA ALA A 18 -23.27 0.37 39.50
C ALA A 18 -23.11 1.30 40.70
N GLY A 19 -24.23 1.81 41.19
CA GLY A 19 -24.23 2.69 42.36
C GLY A 19 -23.54 4.03 42.18
N TYR A 20 -23.50 4.52 40.95
CA TYR A 20 -22.97 5.86 40.66
C TYR A 20 -24.14 6.82 40.76
N THR A 21 -24.10 7.65 41.79
CA THR A 21 -25.20 8.56 42.10
C THR A 21 -24.92 10.01 41.71
N GLY A 22 -23.76 10.23 41.12
CA GLY A 22 -23.38 11.54 40.59
C GLY A 22 -24.09 11.89 39.28
N PRO A 23 -23.78 13.08 38.71
CA PRO A 23 -24.40 13.59 37.49
C PRO A 23 -23.99 12.84 36.23
N LEU A 24 -24.94 12.72 35.31
CA LEU A 24 -24.77 12.02 34.04
C LEU A 24 -24.93 13.02 32.91
N GLU A 25 -23.85 13.26 32.19
CA GLU A 25 -23.84 14.22 31.10
C GLU A 25 -23.93 13.53 29.76
N ARG A 26 -24.91 13.93 28.95
CA ARG A 26 -25.11 13.43 27.60
C ARG A 26 -24.09 14.11 26.70
N LEU A 27 -23.26 13.32 26.02
CA LEU A 27 -22.29 13.85 25.08
C LEU A 27 -22.83 13.57 23.67
N GLY A 28 -22.55 14.47 22.73
CA GLY A 28 -23.08 14.44 21.34
C GLY A 28 -23.32 13.09 20.69
N GLY A 29 -24.37 12.99 19.87
CA GLY A 29 -24.66 11.74 19.15
C GLY A 29 -26.11 11.31 19.08
N LEU A 30 -26.66 11.25 17.86
CA LEU A 30 -28.03 10.81 17.64
C LEU A 30 -28.15 9.26 17.69
N THR A 31 -27.46 8.56 16.78
CA THR A 31 -27.56 7.08 16.69
C THR A 31 -26.93 6.31 17.91
N ASN A 32 -26.11 7.00 18.69
CA ASN A 32 -25.56 6.49 19.94
C ASN A 32 -25.80 7.46 21.09
N LEU A 33 -26.51 6.99 22.11
CA LEU A 33 -26.68 7.78 23.32
C LEU A 33 -25.40 7.55 24.14
N VAL A 34 -24.70 8.61 24.51
CA VAL A 34 -23.42 8.51 25.22
C VAL A 34 -23.40 9.41 26.45
N PHE A 35 -23.28 8.83 27.62
CA PHE A 35 -23.30 9.59 28.86
C PHE A 35 -22.01 9.47 29.66
N ARG A 36 -21.53 10.59 30.17
CA ARG A 36 -20.35 10.55 31.01
C ARG A 36 -20.77 10.30 32.45
N ALA A 37 -20.25 9.23 33.07
CA ALA A 37 -20.55 8.86 34.45
C ALA A 37 -19.23 8.81 35.21
N GLY A 38 -18.93 9.86 35.96
CA GLY A 38 -17.68 9.95 36.70
C GLY A 38 -16.56 10.22 35.71
N ASP A 39 -15.67 9.26 35.55
CA ASP A 39 -14.56 9.33 34.61
C ASP A 39 -14.71 8.26 33.50
N LEU A 40 -15.87 7.61 33.45
CA LEU A 40 -16.12 6.57 32.45
C LEU A 40 -17.23 7.09 31.55
N CYS A 41 -17.34 6.57 30.34
CA CYS A 41 -18.44 6.91 29.40
C CYS A 41 -19.28 5.68 29.11
N LEU A 42 -20.58 5.86 29.21
CA LEU A 42 -21.54 4.82 28.93
C LEU A 42 -22.09 5.09 27.53
N ARG A 43 -22.00 4.11 26.62
CA ARG A 43 -22.54 4.26 25.26
C ARG A 43 -23.71 3.29 25.03
N ILE A 44 -24.89 3.83 24.70
CA ILE A 44 -26.10 3.02 24.45
C ILE A 44 -26.43 3.02 22.96
N PRO A 45 -26.72 1.86 22.37
CA PRO A 45 -27.09 1.81 20.94
C PRO A 45 -28.51 2.35 20.60
N GLY A 46 -28.59 3.09 19.49
CA GLY A 46 -29.87 3.63 19.01
C GLY A 46 -30.67 2.70 18.10
N LYS A 47 -31.98 2.59 18.41
CA LYS A 47 -32.95 1.75 17.69
C LYS A 47 -32.98 1.91 16.15
N TYR A 52 -30.11 -1.98 11.74
CA TYR A 52 -29.35 -1.70 10.53
C TYR A 52 -27.83 -1.47 10.75
N ILE A 53 -27.40 -1.07 11.96
CA ILE A 53 -25.95 -0.99 12.32
C ILE A 53 -25.51 -2.37 12.85
N ASN A 54 -24.21 -2.55 13.10
CA ASN A 54 -23.71 -3.89 13.46
C ASN A 54 -22.74 -3.90 14.64
N ARG A 55 -23.25 -4.28 15.81
CA ARG A 55 -22.49 -4.14 17.05
C ARG A 55 -21.35 -5.15 17.27
N ALA A 56 -21.46 -6.32 16.68
CA ALA A 56 -20.39 -7.32 16.78
C ALA A 56 -19.09 -6.78 16.16
N ASN A 57 -19.23 -6.11 15.01
CA ASN A 57 -18.10 -5.49 14.35
C ASN A 57 -17.49 -4.42 15.24
N GLU A 58 -18.32 -3.51 15.71
CA GLU A 58 -17.88 -2.39 16.53
C GLU A 58 -17.03 -2.84 17.68
N ALA A 59 -17.47 -3.90 18.37
CA ALA A 59 -16.75 -4.36 19.56
C ALA A 59 -15.30 -4.73 19.19
N VAL A 60 -15.17 -5.54 18.15
CA VAL A 60 -13.85 -6.00 17.74
C VAL A 60 -13.01 -4.83 17.23
N ALA A 61 -13.64 -3.98 16.45
CA ALA A 61 -12.98 -2.83 15.88
C ALA A 61 -12.44 -1.88 16.94
N ALA A 62 -13.29 -1.51 17.90
CA ALA A 62 -12.89 -0.56 18.93
C ALA A 62 -11.76 -1.12 19.78
N ARG A 63 -11.81 -2.41 20.08
CA ARG A 63 -10.73 -3.00 20.88
C ARG A 63 -9.42 -2.95 20.15
N GLU A 64 -9.46 -3.20 18.85
CA GLU A 64 -8.25 -3.12 18.03
C GLU A 64 -7.75 -1.68 17.93
N ALA A 65 -8.69 -0.76 17.70
CA ALA A 65 -8.36 0.67 17.64
C ALA A 65 -7.73 1.12 18.95
N ALA A 66 -8.26 0.63 20.07
CA ALA A 66 -7.74 0.95 21.39
C ALA A 66 -6.30 0.44 21.55
N LYS A 67 -6.08 -0.81 21.10
CA LYS A 67 -4.77 -1.43 21.09
C LYS A 67 -3.78 -0.62 20.27
N ALA A 68 -4.25 -0.06 19.15
CA ALA A 68 -3.42 0.77 18.31
C ALA A 68 -3.18 2.18 18.88
N GLY A 69 -3.76 2.49 20.04
CA GLY A 69 -3.58 3.79 20.70
C GLY A 69 -4.33 4.94 20.05
N VAL A 70 -5.39 4.63 19.30
CA VAL A 70 -6.12 5.63 18.55
C VAL A 70 -7.47 5.89 19.18
N SER A 71 -8.08 4.83 19.69
CA SER A 71 -9.35 4.92 20.40
C SER A 71 -9.18 4.82 21.92
N PRO A 72 -10.10 5.43 22.65
CA PRO A 72 -10.02 5.26 24.08
C PRO A 72 -10.20 3.80 24.47
N GLU A 73 -9.61 3.41 25.60
CA GLU A 73 -9.74 2.09 26.15
C GLU A 73 -11.19 1.63 26.22
N VAL A 74 -11.43 0.37 25.85
CA VAL A 74 -12.76 -0.22 25.94
C VAL A 74 -12.78 -1.09 27.17
N LEU A 75 -13.50 -0.66 28.20
CA LEU A 75 -13.48 -1.35 29.48
C LEU A 75 -14.56 -2.38 29.65
N HIS A 76 -15.61 -2.33 28.84
CA HIS A 76 -16.69 -3.29 29.03
C HIS A 76 -17.63 -3.30 27.86
N VAL A 77 -18.15 -4.48 27.55
CA VAL A 77 -19.13 -4.63 26.49
C VAL A 77 -20.20 -5.56 27.03
N ASP A 78 -21.45 -5.30 26.64
CA ASP A 78 -22.55 -6.12 27.12
C ASP A 78 -23.01 -6.99 25.96
N PRO A 79 -22.94 -8.32 26.12
CA PRO A 79 -23.30 -9.17 24.97
C PRO A 79 -24.80 -9.29 24.80
N ALA A 80 -25.56 -8.77 25.77
CA ALA A 80 -27.03 -8.76 25.71
C ALA A 80 -27.58 -7.49 25.01
N THR A 81 -26.98 -6.35 25.31
CA THR A 81 -27.50 -5.07 24.86
C THR A 81 -26.62 -4.33 23.87
N GLY A 82 -25.33 -4.69 23.81
CA GLY A 82 -24.38 -3.93 22.99
C GLY A 82 -23.77 -2.74 23.72
N VAL A 83 -24.29 -2.41 24.90
CA VAL A 83 -23.82 -1.28 25.71
C VAL A 83 -22.31 -1.34 25.99
N VAL A 85 -18.71 0.50 27.76
CA VAL A 85 -18.08 1.43 28.68
C VAL A 85 -16.65 1.73 28.24
N THR A 86 -16.36 3.01 28.03
CA THR A 86 -15.02 3.45 27.67
C THR A 86 -14.53 4.40 28.73
N ARG A 87 -13.27 4.77 28.65
CA ARG A 87 -12.71 5.71 29.61
C ARG A 87 -12.93 7.10 29.06
N TYR A 88 -13.29 8.02 29.94
CA TYR A 88 -13.48 9.40 29.54
C TYR A 88 -12.14 10.09 29.50
N ILE A 89 -11.94 10.84 28.42
CA ILE A 89 -10.76 11.66 28.18
C ILE A 89 -10.99 13.11 28.65
N ALA A 90 -10.46 13.42 29.82
CA ALA A 90 -10.59 14.73 30.43
C ALA A 90 -9.85 15.73 29.59
N GLY A 91 -10.33 16.96 29.60
CA GLY A 91 -9.73 18.07 28.85
C GLY A 91 -9.57 17.76 27.38
N ALA A 92 -10.60 17.15 26.80
CA ALA A 92 -10.60 16.84 25.39
C ALA A 92 -11.80 17.51 24.80
N GLN A 93 -11.65 18.04 23.60
CA GLN A 93 -12.71 18.75 22.91
C GLN A 93 -13.31 17.91 21.78
N THR A 94 -14.62 17.75 21.77
CA THR A 94 -15.32 17.12 20.64
C THR A 94 -15.23 18.07 19.49
N SER A 96 -15.72 19.59 15.36
CA SER A 96 -16.77 20.02 14.42
C SER A 96 -16.10 20.79 13.28
N PRO A 97 -16.82 20.99 12.17
CA PRO A 97 -16.21 21.81 11.12
C PRO A 97 -15.61 23.10 11.67
N GLU A 98 -16.41 23.83 12.44
CA GLU A 98 -15.99 25.13 12.98
C GLU A 98 -14.70 25.00 13.79
N LYS A 99 -14.64 24.03 14.70
CA LYS A 99 -13.44 23.86 15.51
C LYS A 99 -12.20 23.44 14.69
N PHE A 100 -12.42 22.83 13.53
CA PHE A 100 -11.31 22.43 12.65
C PHE A 100 -10.65 23.62 11.96
N LYS A 101 -11.38 24.72 11.83
CA LYS A 101 -10.82 25.99 11.36
C LYS A 101 -10.25 26.76 12.57
N THR A 102 -10.96 26.67 13.69
CA THR A 102 -10.62 27.39 14.94
C THR A 102 -9.37 26.93 15.70
N ARG A 103 -9.14 25.64 15.77
CA ARG A 103 -8.06 25.11 16.60
C ARG A 103 -6.86 24.83 15.72
N PRO A 104 -5.83 25.69 15.78
CA PRO A 104 -4.73 25.53 14.85
C PRO A 104 -4.02 24.21 15.03
N GLY A 105 -3.73 23.54 13.91
CA GLY A 105 -3.06 22.23 13.93
C GLY A 105 -4.00 21.03 14.04
N SER A 106 -5.29 21.30 14.22
CA SER A 106 -6.28 20.23 14.35
C SER A 106 -6.35 19.32 13.10
N PRO A 107 -6.32 19.88 11.90
CA PRO A 107 -6.28 18.92 10.78
C PRO A 107 -5.04 18.03 10.85
N ALA A 108 -3.91 18.61 11.21
CA ALA A 108 -2.68 17.85 11.24
C ALA A 108 -2.82 16.74 12.29
N ARG A 109 -3.42 17.08 13.42
CA ARG A 109 -3.60 16.11 14.48
C ARG A 109 -4.54 15.01 14.05
N ALA A 110 -5.51 15.32 13.19
CA ALA A 110 -6.37 14.29 12.60
C ALA A 110 -5.54 13.36 11.71
N GLY A 111 -4.66 13.94 10.89
CA GLY A 111 -3.77 13.17 10.01
C GLY A 111 -2.82 12.28 10.80
N GLU A 112 -2.32 12.79 11.91
CA GLU A 112 -1.45 12.00 12.79
C GLU A 112 -2.23 10.83 13.39
N ALA A 113 -3.50 11.04 13.73
CA ALA A 113 -4.31 9.95 14.29
C ALA A 113 -4.54 8.88 13.22
N PHE A 114 -4.94 9.28 12.02
CA PHE A 114 -5.10 8.32 10.95
C PHE A 114 -3.79 7.57 10.71
N ARG A 115 -2.69 8.32 10.72
CA ARG A 115 -1.40 7.73 10.43
C ARG A 115 -1.07 6.62 11.40
N LYS A 116 -1.36 6.88 12.67
CA LYS A 116 -1.15 5.92 13.72
C LYS A 116 -2.04 4.71 13.49
N LEU A 117 -3.29 4.99 13.13
CA LEU A 117 -4.29 3.94 12.90
C LEU A 117 -3.90 3.05 11.78
N HIS A 118 -3.73 3.63 10.59
CA HIS A 118 -3.43 2.84 9.38
C HIS A 118 -2.10 2.14 9.50
N GLY A 119 -1.15 2.77 10.15
CA GLY A 119 0.16 2.18 10.39
C GLY A 119 0.22 1.20 11.51
N SER A 120 -0.90 0.95 12.17
CA SER A 120 -0.93 0.01 13.33
C SER A 120 -1.07 -1.47 12.92
N GLY A 121 -1.14 -2.33 13.92
CA GLY A 121 -1.36 -3.74 13.68
C GLY A 121 -2.83 -4.10 13.79
N ALA A 122 -3.68 -3.08 14.00
CA ALA A 122 -5.11 -3.27 14.04
C ALA A 122 -5.55 -4.16 12.88
N VAL A 123 -6.42 -5.13 13.16
CA VAL A 123 -7.02 -6.00 12.14
C VAL A 123 -8.53 -5.93 12.27
N PHE A 124 -9.21 -5.42 11.24
CA PHE A 124 -10.67 -5.33 11.22
C PHE A 124 -11.21 -6.45 10.37
N PRO A 125 -12.29 -7.12 10.82
CA PRO A 125 -12.77 -8.34 10.16
C PRO A 125 -13.47 -8.16 8.83
N PHE A 126 -14.08 -7.00 8.62
CA PHE A 126 -14.85 -6.81 7.39
C PHE A 126 -14.18 -5.86 6.42
N ARG A 127 -14.50 -6.05 5.15
CA ARG A 127 -13.95 -5.28 4.06
C ARG A 127 -14.95 -4.19 3.73
N PHE A 128 -14.48 -2.96 3.57
CA PHE A 128 -15.36 -1.85 3.20
C PHE A 128 -15.64 -1.97 1.71
N GLU A 129 -16.91 -2.03 1.34
CA GLU A 129 -17.32 -2.23 -0.06
C GLU A 129 -18.05 -1.00 -0.57
N LEU A 130 -17.28 -0.03 -1.06
CA LEU A 130 -17.83 1.25 -1.49
C LEU A 130 -18.85 1.11 -2.64
N PHE A 131 -18.45 0.46 -3.72
CA PHE A 131 -19.31 0.33 -4.88
C PHE A 131 -20.34 -0.75 -4.79
N ALA A 132 -20.12 -1.72 -3.90
CA ALA A 132 -21.15 -2.73 -3.64
C ALA A 132 -22.34 -1.96 -3.05
N ILE A 134 -23.02 1.22 -3.14
CA ILE A 134 -23.58 2.18 -4.09
C ILE A 134 -24.56 1.52 -5.05
N ASP A 135 -24.14 0.42 -5.66
CA ASP A 135 -24.99 -0.34 -6.56
C ASP A 135 -26.25 -0.85 -5.86
N ASP A 136 -26.07 -1.25 -4.61
CA ASP A 136 -27.16 -1.74 -3.80
C ASP A 136 -28.26 -0.69 -3.72
N TYR A 137 -27.88 0.51 -3.22
CA TYR A 137 -28.83 1.62 -3.07
C TYR A 137 -29.48 2.02 -4.41
N LEU A 138 -28.69 2.00 -5.47
CA LEU A 138 -29.21 2.31 -6.80
C LEU A 138 -30.33 1.38 -7.22
N LYS A 139 -30.13 0.07 -7.08
CA LYS A 139 -31.18 -0.92 -7.43
C LYS A 139 -32.45 -0.62 -6.65
N VAL A 140 -32.31 -0.66 -5.33
CA VAL A 140 -33.38 -0.35 -4.39
C VAL A 140 -34.27 0.79 -4.90
N LEU A 141 -33.66 1.86 -5.40
CA LEU A 141 -34.40 3.01 -5.97
C LEU A 141 -35.71 2.61 -6.66
N SER A 142 -35.58 1.82 -7.72
CA SER A 142 -36.70 1.38 -8.57
C SER A 142 -37.95 0.91 -7.82
N ASN A 145 -39.75 4.10 -6.59
CA ASN A 145 -38.97 5.24 -7.03
C ASN A 145 -39.50 6.58 -6.48
N VAL A 146 -38.58 7.38 -5.89
CA VAL A 146 -38.86 8.74 -5.41
C VAL A 146 -38.44 9.79 -6.46
N THR A 147 -38.67 11.07 -6.19
CA THR A 147 -38.19 12.14 -7.07
C THR A 147 -36.74 12.35 -6.70
N LEU A 148 -35.89 12.42 -7.73
CA LEU A 148 -34.43 12.47 -7.53
C LEU A 148 -33.85 13.77 -8.11
N PRO A 149 -32.67 14.19 -7.59
CA PRO A 149 -32.06 15.47 -8.01
C PRO A 149 -31.69 15.57 -9.49
N ALA A 150 -31.51 16.80 -9.96
CA ALA A 150 -31.11 17.04 -11.34
C ALA A 150 -29.69 16.52 -11.59
N GLY A 151 -29.52 15.71 -12.63
CA GLY A 151 -28.23 15.10 -12.98
C GLY A 151 -27.88 13.89 -12.13
N TYR A 152 -28.91 13.27 -11.56
CA TYR A 152 -28.75 12.06 -10.76
C TYR A 152 -28.03 11.00 -11.59
N HIS A 153 -28.54 10.76 -12.79
CA HIS A 153 -28.00 9.72 -13.66
C HIS A 153 -26.61 10.04 -14.22
N ASP A 154 -26.28 11.32 -14.36
CA ASP A 154 -24.95 11.71 -14.83
C ASP A 154 -23.92 11.38 -13.73
N VAL A 155 -24.17 11.90 -12.54
CA VAL A 155 -23.29 11.64 -11.43
C VAL A 155 -23.06 10.12 -11.26
N VAL A 156 -24.12 9.31 -11.43
CA VAL A 156 -23.97 7.85 -11.31
C VAL A 156 -23.13 7.30 -12.47
N ARG A 157 -23.40 7.80 -13.67
CA ARG A 157 -22.65 7.37 -14.85
C ARG A 157 -21.19 7.77 -14.68
N GLU A 158 -20.95 9.04 -14.37
CA GLU A 158 -19.60 9.53 -14.16
C GLU A 158 -18.87 8.76 -13.07
N ALA A 159 -19.61 8.32 -12.04
CA ALA A 159 -19.01 7.53 -10.94
C ALA A 159 -18.44 6.21 -11.44
N GLY A 160 -18.99 5.71 -12.55
CA GLY A 160 -18.45 4.53 -13.19
C GLY A 160 -17.01 4.79 -13.61
N GLY A 161 -16.75 5.99 -14.13
CA GLY A 161 -15.42 6.36 -14.57
C GLY A 161 -14.48 6.46 -13.39
N VAL A 162 -15.00 6.96 -12.28
CA VAL A 162 -14.25 7.09 -11.03
C VAL A 162 -13.89 5.69 -10.51
N ARG A 163 -14.87 4.79 -10.52
CA ARG A 163 -14.67 3.42 -10.10
C ARG A 163 -13.56 2.80 -10.92
N SER A 164 -13.65 3.01 -12.21
CA SER A 164 -12.70 2.45 -13.14
C SER A 164 -11.29 2.98 -12.89
N ALA A 165 -11.19 4.28 -12.59
CA ALA A 165 -9.90 4.90 -12.30
C ALA A 165 -9.29 4.29 -11.03
N LEU A 166 -10.14 3.99 -10.05
CA LEU A 166 -9.69 3.38 -8.81
C LEU A 166 -9.29 1.92 -9.00
N ALA A 167 -9.88 1.26 -10.00
CA ALA A 167 -9.60 -0.13 -10.29
C ALA A 167 -8.41 -0.27 -11.23
N ALA A 168 -8.02 0.83 -11.88
CA ALA A 168 -6.86 0.85 -12.78
C ALA A 168 -5.54 0.45 -12.11
N HIS A 169 -5.45 0.53 -10.79
CA HIS A 169 -4.19 0.19 -10.09
C HIS A 169 -4.46 -0.41 -8.70
N PRO A 170 -3.60 -1.31 -8.25
CA PRO A 170 -3.72 -1.85 -6.89
C PRO A 170 -3.72 -0.71 -5.88
N LEU A 171 -4.66 -0.73 -4.94
CA LEU A 171 -4.71 0.28 -3.90
C LEU A 171 -4.27 -0.39 -2.60
N PRO A 172 -3.64 0.37 -1.71
CA PRO A 172 -3.27 -0.22 -0.45
C PRO A 172 -4.52 -0.43 0.40
N LEU A 173 -4.41 -1.32 1.40
CA LEU A 173 -5.52 -1.71 2.26
C LEU A 173 -5.11 -1.51 3.73
N ALA A 174 -5.91 -0.74 4.44
CA ALA A 174 -5.59 -0.42 5.81
C ALA A 174 -6.84 -0.53 6.68
N ALA A 175 -6.63 -0.74 7.98
CA ALA A 175 -7.70 -0.69 8.98
C ALA A 175 -8.25 0.74 9.08
N CYS A 176 -9.40 0.99 8.45
CA CYS A 176 -9.96 2.34 8.40
C CYS A 176 -11.20 2.54 9.24
N HIS A 177 -11.36 3.75 9.76
CA HIS A 177 -12.52 4.11 10.55
C HIS A 177 -13.78 4.16 9.68
N CYS A 178 -13.65 4.71 8.47
CA CYS A 178 -14.72 4.71 7.46
C CYS A 178 -15.87 5.71 7.59
N ASP A 179 -16.10 6.24 8.78
CA ASP A 179 -17.10 7.30 8.95
C ASP A 179 -16.58 8.36 9.91
N PRO A 180 -15.44 8.98 9.57
CA PRO A 180 -14.80 9.96 10.45
C PRO A 180 -15.49 11.33 10.52
N LEU A 181 -16.70 11.36 11.07
CA LEU A 181 -17.40 12.61 11.30
C LEU A 181 -16.59 13.45 12.30
N CYS A 182 -16.69 14.76 12.18
CA CYS A 182 -15.96 15.64 13.05
C CYS A 182 -16.21 15.29 14.52
N GLU A 183 -17.48 14.98 14.83
CA GLU A 183 -17.90 14.67 16.21
CA GLU A 183 -17.91 14.68 16.19
C GLU A 183 -17.19 13.45 16.78
N ASN A 184 -16.72 12.55 15.92
CA ASN A 184 -15.99 11.37 16.36
C ASN A 184 -14.55 11.64 16.80
N PHE A 185 -14.08 12.88 16.72
CA PHE A 185 -12.73 13.23 17.10
C PHE A 185 -12.71 13.99 18.40
N LEU A 186 -11.89 13.52 19.34
CA LEU A 186 -11.72 14.18 20.61
C LEU A 186 -10.32 14.76 20.61
N ASP A 187 -10.24 16.07 20.73
CA ASP A 187 -8.95 16.74 20.63
C ASP A 187 -8.44 17.18 21.99
N THR A 188 -7.29 16.68 22.40
CA THR A 188 -6.68 17.26 23.59
C THR A 188 -6.01 18.45 22.97
N GLY A 189 -4.97 18.99 23.59
CA GLY A 189 -4.26 20.06 22.88
C GLY A 189 -3.39 19.49 21.77
N GLU A 190 -2.83 18.32 22.02
CA GLU A 190 -1.72 17.77 21.26
C GLU A 190 -2.01 16.52 20.44
N ARG A 191 -3.13 15.86 20.69
CA ARG A 191 -3.48 14.65 19.97
C ARG A 191 -4.98 14.41 19.90
N TRP A 193 -8.05 11.63 19.57
CA TRP A 193 -8.50 10.26 19.69
C TRP A 193 -9.70 10.17 18.76
N ILE A 194 -10.08 8.95 18.39
CA ILE A 194 -11.24 8.73 17.53
C ILE A 194 -12.14 7.70 18.20
N VAL A 195 -13.46 7.92 18.11
CA VAL A 195 -14.48 7.03 18.67
C VAL A 195 -15.48 6.65 17.60
N ASP A 196 -16.41 5.74 17.93
CA ASP A 196 -17.51 5.28 17.05
C ASP A 196 -17.02 4.44 15.89
N TRP A 197 -16.71 3.20 16.18
CA TRP A 197 -16.10 2.31 15.20
C TRP A 197 -17.08 1.37 14.56
N GLU A 198 -18.34 1.72 14.57
CA GLU A 198 -19.36 0.83 14.03
C GLU A 198 -19.26 0.55 12.52
N TYR A 199 -18.70 1.49 11.76
CA TYR A 199 -18.58 1.30 10.30
C TYR A 199 -17.16 0.88 9.87
N SER A 200 -16.30 0.56 10.84
CA SER A 200 -14.92 0.21 10.58
C SER A 200 -14.80 -0.94 9.63
N GLY A 201 -13.67 -1.00 8.92
CA GLY A 201 -13.36 -2.07 7.98
C GLY A 201 -12.01 -1.86 7.29
N ASN A 203 -9.98 -0.95 4.14
CA ASN A 203 -10.33 -0.01 3.11
C ASN A 203 -9.08 0.69 2.56
N ASP A 204 -9.27 1.46 1.50
CA ASP A 204 -8.23 2.36 0.98
C ASP A 204 -8.07 3.45 2.03
N PRO A 205 -6.89 3.53 2.68
CA PRO A 205 -6.66 4.49 3.74
C PRO A 205 -7.09 5.91 3.41
N LEU A 206 -6.99 6.30 2.14
CA LEU A 206 -7.37 7.65 1.74
C LEU A 206 -8.87 7.89 1.72
N TRP A 207 -9.66 6.86 1.96
CA TRP A 207 -11.10 7.07 2.09
C TRP A 207 -11.36 7.87 3.36
N ASP A 208 -10.63 7.53 4.42
CA ASP A 208 -10.75 8.22 5.70
C ASP A 208 -10.44 9.70 5.57
N LEU A 209 -9.34 10.00 4.88
CA LEU A 209 -8.93 11.40 4.64
C LEU A 209 -9.99 12.13 3.84
N GLY A 210 -10.49 11.49 2.78
CA GLY A 210 -11.51 12.15 1.95
C GLY A 210 -12.80 12.39 2.71
N ASP A 211 -13.17 11.42 3.53
CA ASP A 211 -14.42 11.49 4.29
C ASP A 211 -14.38 12.62 5.31
N LEU A 212 -13.30 12.68 6.08
CA LEU A 212 -13.14 13.76 7.05
C LEU A 212 -13.20 15.10 6.37
N SER A 213 -12.49 15.24 5.25
CA SER A 213 -12.46 16.51 4.53
C SER A 213 -13.84 17.01 4.15
N VAL A 214 -14.66 16.11 3.57
CA VAL A 214 -16.02 16.48 3.16
C VAL A 214 -16.93 16.74 4.37
N GLU A 215 -16.71 16.00 5.45
CA GLU A 215 -17.52 16.14 6.65
C GLU A 215 -17.14 17.40 7.41
N GLY A 216 -15.86 17.76 7.37
CA GLY A 216 -15.38 18.97 8.05
C GLY A 216 -15.44 20.25 7.24
N LYS A 217 -15.92 20.15 6.00
CA LYS A 217 -15.94 21.29 5.07
C LYS A 217 -14.55 21.90 5.01
N PHE A 218 -13.55 21.05 4.80
CA PHE A 218 -12.16 21.48 4.78
C PHE A 218 -11.85 22.27 3.54
N ASN A 219 -11.14 23.36 3.70
CA ASN A 219 -10.72 24.13 2.52
C ASN A 219 -9.38 23.53 2.05
N ALA A 220 -8.89 24.01 0.92
CA ALA A 220 -7.64 23.54 0.33
C ALA A 220 -6.50 23.49 1.33
N ASN A 221 -6.38 24.53 2.14
CA ASN A 221 -5.31 24.64 3.12
C ASN A 221 -5.36 23.54 4.17
N GLN A 222 -6.56 23.26 4.67
CA GLN A 222 -6.75 22.24 5.67
C GLN A 222 -6.40 20.87 5.10
N ASP A 223 -6.80 20.64 3.85
CA ASP A 223 -6.46 19.40 3.16
C ASP A 223 -4.95 19.21 3.05
N GLU A 224 -4.21 20.27 2.72
CA GLU A 224 -2.75 20.16 2.68
C GLU A 224 -2.21 19.84 4.05
N GLU A 225 -2.68 20.55 5.05
CA GLU A 225 -2.22 20.32 6.40
C GLU A 225 -2.51 18.87 6.83
N LEU A 226 -3.69 18.36 6.47
CA LEU A 226 -4.11 16.97 6.78
C LEU A 226 -3.21 15.95 6.11
N ARG A 228 -0.25 16.39 4.58
CA ARG A 228 1.15 16.54 4.94
C ARG A 228 1.42 15.84 6.25
N ALA A 229 0.53 16.01 7.23
CA ALA A 229 0.71 15.37 8.55
C ALA A 229 0.54 13.89 8.43
N TYR A 230 -0.36 13.47 7.55
CA TYR A 230 -0.63 12.04 7.34
C TYR A 230 0.51 11.28 6.66
N PHE A 231 1.03 11.85 5.57
CA PHE A 231 2.04 11.20 4.73
C PHE A 231 3.46 11.43 5.18
N GLY A 232 3.69 12.42 6.03
CA GLY A 232 5.05 12.75 6.50
C GLY A 232 5.78 13.52 5.42
N GLY A 233 5.01 14.15 4.54
CA GLY A 233 5.56 14.95 3.46
C GLY A 233 4.44 15.43 2.59
N GLU A 234 4.69 16.41 1.76
CA GLU A 234 3.64 16.90 0.87
C GLU A 234 3.07 15.77 0.03
N ALA A 235 1.74 15.73 -0.08
CA ALA A 235 1.02 14.74 -0.89
C ALA A 235 1.45 14.83 -2.36
N ARG A 236 1.23 13.73 -3.10
CA ARG A 236 1.59 13.60 -4.50
C ARG A 236 0.32 13.62 -5.33
N PRO A 237 0.43 13.90 -6.63
CA PRO A 237 -0.79 14.04 -7.47
C PRO A 237 -1.74 12.84 -7.49
N ALA A 238 -1.20 11.62 -7.33
CA ALA A 238 -2.05 10.42 -7.33
C ALA A 238 -2.77 10.28 -5.98
N GLU A 239 -2.07 10.68 -4.94
CA GLU A 239 -2.59 10.62 -3.58
C GLU A 239 -3.70 11.62 -3.45
N ARG A 240 -3.37 12.87 -3.75
CA ARG A 240 -4.32 13.98 -3.72
C ARG A 240 -5.55 13.62 -4.55
N GLY A 241 -5.32 13.03 -5.71
CA GLY A 241 -6.42 12.61 -6.59
C GLY A 241 -7.37 11.62 -5.93
N ARG A 242 -6.83 10.69 -5.16
CA ARG A 242 -7.66 9.71 -4.50
C ARG A 242 -8.52 10.37 -3.41
N VAL A 243 -7.92 11.29 -2.68
CA VAL A 243 -8.67 11.99 -1.64
C VAL A 243 -9.84 12.72 -2.32
N VAL A 244 -9.54 13.50 -3.33
CA VAL A 244 -10.61 14.25 -4.01
C VAL A 244 -11.68 13.28 -4.56
N ILE A 245 -11.25 12.14 -5.09
CA ILE A 245 -12.19 11.14 -5.61
C ILE A 245 -13.13 10.64 -4.52
N TYR A 246 -12.58 10.35 -3.35
CA TYR A 246 -13.38 9.89 -2.22
C TYR A 246 -14.26 11.01 -1.66
N LYS A 247 -13.78 12.26 -1.66
CA LYS A 247 -14.66 13.36 -1.29
C LYS A 247 -15.96 13.23 -2.09
N ALA A 248 -15.84 13.04 -3.41
CA ALA A 248 -17.03 12.93 -4.26
C ALA A 248 -17.83 11.67 -3.95
N CYS A 250 -17.89 9.80 -1.30
CA CYS A 250 -18.42 9.86 0.06
C CYS A 250 -19.76 10.57 0.07
N ASP A 251 -19.81 11.74 -0.54
CA ASP A 251 -21.08 12.47 -0.67
C ASP A 251 -22.12 11.65 -1.42
N LEU A 252 -21.71 10.98 -2.49
CA LEU A 252 -22.63 10.20 -3.29
C LEU A 252 -23.26 9.06 -2.48
N LEU A 253 -22.41 8.34 -1.75
CA LEU A 253 -22.85 7.21 -0.91
C LEU A 253 -23.98 7.64 0.00
N TRP A 254 -23.70 8.66 0.80
CA TRP A 254 -24.66 9.18 1.75
C TRP A 254 -25.86 9.83 1.06
N THR A 255 -25.64 10.52 -0.06
CA THR A 255 -26.76 11.08 -0.80
C THR A 255 -27.81 10.00 -1.10
N LEU A 256 -27.36 8.89 -1.67
CA LEU A 256 -28.24 7.77 -2.01
C LEU A 256 -28.91 7.16 -0.78
N TRP A 257 -28.15 7.02 0.30
CA TRP A 257 -28.68 6.56 1.58
C TRP A 257 -29.81 7.46 2.10
N GLY A 258 -29.59 8.78 2.00
CA GLY A 258 -30.56 9.79 2.42
C GLY A 258 -31.85 9.76 1.61
N LEU A 259 -31.73 9.45 0.32
CA LEU A 259 -32.92 9.27 -0.52
C LEU A 259 -33.72 8.03 -0.07
N ILE A 260 -33.01 6.98 0.36
CA ILE A 260 -33.64 5.77 0.87
C ILE A 260 -34.43 6.08 2.17
N GLN A 261 -33.88 6.94 3.02
CA GLN A 261 -34.57 7.39 4.23
C GLN A 261 -35.77 8.25 3.91
N LEU A 262 -35.65 9.11 2.90
CA LEU A 262 -36.75 9.98 2.46
C LEU A 262 -37.93 9.18 1.92
N ALA A 263 -37.63 8.07 1.24
CA ALA A 263 -38.69 7.19 0.70
C ALA A 263 -39.31 6.31 1.81
N ASN A 264 -38.52 6.02 2.86
CA ASN A 264 -39.00 5.24 4.02
C ASN A 264 -39.57 6.09 5.18
N ASP A 265 -39.66 7.40 4.96
CA ASP A 265 -40.19 8.37 5.95
C ASP A 265 -39.56 8.25 7.34
N ASN A 266 -38.27 7.93 7.39
CA ASN A 266 -37.56 7.96 8.66
C ASN A 266 -37.69 9.43 9.12
N PRO A 267 -38.33 9.67 10.28
CA PRO A 267 -38.47 11.05 10.75
C PRO A 267 -37.28 11.54 11.60
N VAL A 268 -36.12 10.88 11.51
CA VAL A 268 -34.93 11.30 12.24
C VAL A 268 -34.41 12.70 11.82
N ASP A 269 -34.75 13.15 10.59
CA ASP A 269 -34.47 14.54 10.11
C ASP A 269 -35.06 14.80 8.70
N ASP A 270 -34.78 15.99 8.15
CA ASP A 270 -35.28 16.40 6.82
C ASP A 270 -34.41 15.81 5.71
N PHE A 271 -34.73 14.57 5.33
CA PHE A 271 -33.92 13.84 4.35
C PHE A 271 -33.96 14.45 2.94
N ARG A 272 -35.14 14.92 2.52
CA ARG A 272 -35.26 15.64 1.24
C ARG A 272 -34.25 16.80 1.16
N ALA A 273 -33.85 17.33 2.32
CA ALA A 273 -32.82 18.38 2.42
C ALA A 273 -31.42 17.79 2.43
N TYR A 274 -31.10 16.99 3.47
CA TYR A 274 -29.78 16.32 3.65
C TYR A 274 -29.25 15.76 2.34
N ALA A 275 -30.10 14.98 1.67
CA ALA A 275 -29.77 14.39 0.38
C ALA A 275 -29.41 15.44 -0.68
N ASP A 276 -30.26 16.45 -0.83
CA ASP A 276 -30.02 17.51 -1.84
C ASP A 276 -28.73 18.28 -1.59
N GLY A 277 -28.38 18.45 -0.32
CA GLY A 277 -27.18 19.18 0.06
C GLY A 277 -25.95 18.45 -0.41
N ARG A 278 -25.80 17.22 0.09
CA ARG A 278 -24.63 16.38 -0.19
C ARG A 278 -24.48 16.04 -1.65
N PHE A 279 -25.59 15.95 -2.36
CA PHE A 279 -25.53 15.68 -3.79
C PHE A 279 -24.99 16.88 -4.54
N ALA A 280 -25.59 18.04 -4.30
CA ALA A 280 -25.23 19.29 -4.99
C ALA A 280 -23.75 19.63 -4.81
N ARG A 281 -23.23 19.38 -3.60
CA ARG A 281 -21.82 19.58 -3.32
C ARG A 281 -20.98 18.61 -4.16
N CYS A 282 -21.40 17.35 -4.16
CA CYS A 282 -20.77 16.31 -4.92
C CYS A 282 -20.72 16.65 -6.40
N LYS A 283 -21.91 16.94 -6.95
CA LYS A 283 -22.05 17.29 -8.35
C LYS A 283 -21.17 18.50 -8.66
N ALA A 284 -21.10 19.45 -7.73
CA ALA A 284 -20.26 20.64 -7.90
C ALA A 284 -18.80 20.25 -8.08
N LEU A 285 -18.33 19.40 -7.17
CA LEU A 285 -16.96 18.92 -7.19
C LEU A 285 -16.63 18.18 -8.48
N GLU A 287 -17.88 18.46 -11.32
CA GLU A 287 -17.94 19.29 -12.50
C GLU A 287 -16.77 20.26 -12.66
N THR A 288 -15.97 20.44 -11.62
CA THR A 288 -14.83 21.33 -11.71
C THR A 288 -13.82 20.72 -12.69
N PRO A 289 -13.12 21.56 -13.47
CA PRO A 289 -12.13 20.99 -14.37
C PRO A 289 -10.96 20.37 -13.61
N GLU A 290 -10.77 20.79 -12.36
CA GLU A 290 -9.76 20.18 -11.49
C GLU A 290 -10.02 18.68 -11.31
N PHE A 291 -11.29 18.32 -11.17
CA PHE A 291 -11.67 16.94 -10.86
C PHE A 291 -11.22 15.96 -11.94
N SER A 292 -11.37 16.30 -13.21
CA SER A 292 -10.93 15.41 -14.28
C SER A 292 -9.41 15.24 -14.24
N ARG A 293 -8.69 16.30 -13.85
CA ARG A 293 -7.23 16.18 -13.64
C ARG A 293 -6.88 15.23 -12.51
N HIS A 294 -7.62 15.35 -11.40
CA HIS A 294 -7.42 14.45 -10.27
C HIS A 294 -7.73 13.00 -10.64
N LEU A 295 -8.75 12.83 -11.47
CA LEU A 295 -9.18 11.53 -11.93
C LEU A 295 -8.08 10.95 -12.82
N ALA A 296 -7.64 11.74 -13.78
CA ALA A 296 -6.59 11.36 -14.72
C ALA A 296 -5.30 10.99 -13.99
N ALA A 297 -5.00 11.70 -12.89
CA ALA A 297 -3.82 11.40 -12.05
C ALA A 297 -3.97 10.06 -11.32
N VAL A 298 -5.18 9.74 -10.86
CA VAL A 298 -5.41 8.43 -10.24
C VAL A 298 -5.31 7.33 -11.27
N ARG A 299 -5.85 7.55 -12.48
CA ARG A 299 -5.82 6.55 -13.54
C ARG A 299 -4.38 6.27 -13.99
N GLY A 301 -1.62 6.65 -12.18
CA GLY A 301 -0.79 6.10 -11.11
C GLY A 301 0.67 6.48 -11.27
N THR B 4 26.29 -22.77 -29.64
CA THR B 4 25.35 -22.34 -30.69
C THR B 4 24.62 -23.50 -31.36
N ASP B 5 25.33 -24.63 -31.53
CA ASP B 5 24.75 -25.84 -32.14
C ASP B 5 23.66 -26.42 -31.22
N GLU B 6 23.93 -26.43 -29.91
CA GLU B 6 22.94 -26.86 -28.92
C GLU B 6 21.64 -26.06 -29.08
N ALA B 7 21.79 -24.75 -29.23
CA ALA B 7 20.65 -23.85 -29.42
C ALA B 7 19.92 -24.06 -30.77
N ARG B 8 20.66 -24.20 -31.86
CA ARG B 8 20.07 -24.43 -33.20
C ARG B 8 19.34 -25.77 -33.23
N ALA B 9 19.70 -26.66 -32.31
CA ALA B 9 19.02 -27.94 -32.16
C ALA B 9 17.58 -27.66 -31.70
N LYS B 10 17.46 -26.83 -30.67
CA LYS B 10 16.14 -26.51 -30.12
C LYS B 10 15.16 -25.88 -31.11
N LEU B 11 15.67 -25.18 -32.13
CA LEU B 11 14.82 -24.58 -33.16
C LEU B 11 13.82 -25.56 -33.74
N ALA B 12 14.29 -26.79 -33.99
CA ALA B 12 13.46 -27.85 -34.57
C ALA B 12 12.10 -27.88 -33.88
N ALA B 13 12.11 -28.03 -32.55
CA ALA B 13 10.87 -28.07 -31.72
C ALA B 13 9.88 -26.91 -31.96
N ILE B 14 10.28 -25.68 -31.63
CA ILE B 14 9.43 -24.49 -31.78
C ILE B 14 8.93 -24.29 -33.22
N PRO B 15 7.60 -24.33 -33.42
CA PRO B 15 7.04 -24.18 -34.78
C PRO B 15 7.39 -22.87 -35.46
N LEU B 17 9.98 -21.07 -35.14
CA LEU B 17 11.39 -21.02 -35.50
C LEU B 17 11.79 -22.35 -36.14
N ALA B 18 10.85 -22.96 -36.84
CA ALA B 18 11.04 -24.30 -37.42
C ALA B 18 12.10 -24.33 -38.51
N GLY B 19 11.95 -23.45 -39.51
CA GLY B 19 12.86 -23.41 -40.64
C GLY B 19 13.82 -22.22 -40.66
N TYR B 20 14.27 -21.76 -39.50
CA TYR B 20 15.22 -20.67 -39.46
C TYR B 20 16.59 -21.25 -39.71
N THR B 21 17.25 -20.78 -40.77
CA THR B 21 18.62 -21.18 -41.04
C THR B 21 19.54 -19.97 -41.05
N GLY B 22 19.08 -18.86 -40.48
CA GLY B 22 19.89 -17.66 -40.36
C GLY B 22 20.78 -17.73 -39.13
N PRO B 23 21.65 -16.74 -38.96
CA PRO B 23 22.55 -16.70 -37.81
C PRO B 23 21.86 -16.65 -36.46
N LEU B 24 22.46 -17.26 -35.45
CA LEU B 24 21.97 -17.18 -34.09
C LEU B 24 22.97 -16.39 -33.27
N GLU B 25 22.70 -15.11 -33.02
CA GLU B 25 23.63 -14.24 -32.29
C GLU B 25 23.39 -14.43 -30.82
N ARG B 26 24.38 -14.95 -30.11
CA ARG B 26 24.27 -15.03 -28.67
C ARG B 26 24.29 -13.59 -28.15
N LEU B 27 23.26 -13.24 -27.39
CA LEU B 27 23.19 -11.93 -26.74
C LEU B 27 23.84 -12.10 -25.39
N GLY B 28 25.16 -12.23 -25.41
CA GLY B 28 25.99 -12.47 -24.22
C GLY B 28 25.90 -11.38 -23.17
N GLY B 29 25.53 -10.17 -23.60
CA GLY B 29 25.23 -9.09 -22.65
C GLY B 29 23.79 -9.26 -22.22
N LEU B 30 23.52 -10.22 -21.34
CA LEU B 30 22.19 -10.50 -20.75
C LEU B 30 22.34 -11.52 -19.61
N THR B 31 21.24 -11.85 -18.91
CA THR B 31 21.29 -12.80 -17.77
C THR B 31 21.46 -14.27 -18.21
N ASN B 32 20.39 -14.93 -18.65
CA ASN B 32 20.47 -16.38 -19.02
C ASN B 32 21.07 -16.61 -20.44
N LEU B 33 20.95 -17.84 -20.97
CA LEU B 33 21.45 -18.17 -22.33
C LEU B 33 20.47 -17.74 -23.43
N VAL B 34 20.73 -16.58 -24.03
CA VAL B 34 19.80 -15.95 -24.98
C VAL B 34 20.40 -15.76 -26.39
N PHE B 35 19.59 -16.05 -27.39
CA PHE B 35 20.01 -15.96 -28.78
C PHE B 35 19.03 -15.17 -29.60
N ARG B 36 19.55 -14.30 -30.44
CA ARG B 36 18.70 -13.58 -31.36
C ARG B 36 18.62 -14.47 -32.58
N ALA B 37 17.40 -14.85 -32.92
CA ALA B 37 17.15 -15.53 -34.18
C ALA B 37 16.18 -14.65 -34.96
N GLY B 38 16.70 -13.90 -35.92
CA GLY B 38 15.89 -12.99 -36.73
C GLY B 38 15.46 -11.80 -35.91
N ASP B 39 14.16 -11.75 -35.59
CA ASP B 39 13.59 -10.71 -34.73
C ASP B 39 12.96 -11.34 -33.47
N LEU B 40 13.31 -12.59 -33.21
CA LEU B 40 12.84 -13.27 -32.02
C LEU B 40 14.04 -13.61 -31.14
N CYS B 41 13.82 -13.81 -29.84
CA CYS B 41 14.89 -14.24 -28.94
C CYS B 41 14.56 -15.57 -28.36
N LEU B 42 15.53 -16.48 -28.43
CA LEU B 42 15.40 -17.83 -27.90
C LEU B 42 16.09 -17.85 -26.54
N ARG B 43 15.40 -18.24 -25.47
CA ARG B 43 16.02 -18.33 -24.14
C ARG B 43 16.07 -19.80 -23.76
N ILE B 44 17.27 -20.31 -23.51
CA ILE B 44 17.41 -21.71 -23.13
C ILE B 44 18.03 -21.85 -21.73
N PRO B 45 17.86 -23.04 -21.08
CA PRO B 45 18.46 -23.37 -19.78
C PRO B 45 19.94 -23.01 -19.64
N ASN B 54 13.06 -22.03 -11.03
CA ASN B 54 11.71 -22.57 -11.10
C ASN B 54 11.00 -22.00 -12.32
N ARG B 55 10.90 -22.81 -13.38
CA ARG B 55 10.40 -22.34 -14.67
C ARG B 55 8.88 -22.15 -14.77
N ALA B 56 8.10 -22.88 -13.98
CA ALA B 56 6.65 -22.71 -13.99
C ALA B 56 6.32 -21.26 -13.57
N ASN B 57 6.97 -20.81 -12.51
CA ASN B 57 6.77 -19.45 -12.03
C ASN B 57 7.11 -18.42 -13.11
N GLU B 58 8.28 -18.59 -13.71
CA GLU B 58 8.74 -17.68 -14.73
C GLU B 58 7.76 -17.54 -15.90
N ALA B 59 7.15 -18.63 -16.30
CA ALA B 59 6.23 -18.62 -17.43
C ALA B 59 5.04 -17.73 -17.11
N VAL B 60 4.44 -17.95 -15.95
CA VAL B 60 3.27 -17.18 -15.52
C VAL B 60 3.68 -15.72 -15.34
N ALA B 61 4.81 -15.52 -14.63
CA ALA B 61 5.31 -14.21 -14.28
C ALA B 61 5.58 -13.33 -15.49
N ALA B 62 6.28 -13.89 -16.46
CA ALA B 62 6.67 -13.17 -17.65
C ALA B 62 5.46 -12.77 -18.43
N ARG B 63 4.48 -13.68 -18.57
CA ARG B 63 3.26 -13.37 -19.31
C ARG B 63 2.50 -12.21 -18.64
N GLU B 64 2.48 -12.21 -17.31
CA GLU B 64 1.81 -11.13 -16.58
C GLU B 64 2.59 -9.82 -16.74
N ALA B 65 3.93 -9.92 -16.69
CA ALA B 65 4.78 -8.76 -16.93
C ALA B 65 4.56 -8.20 -18.32
N ALA B 66 4.40 -9.11 -19.27
CA ALA B 66 4.17 -8.73 -20.66
C ALA B 66 2.83 -8.01 -20.79
N LYS B 67 1.81 -8.55 -20.15
CA LYS B 67 0.48 -7.95 -20.15
C LYS B 67 0.56 -6.55 -19.57
N ALA B 68 1.36 -6.38 -18.51
CA ALA B 68 1.51 -5.08 -17.87
C ALA B 68 2.37 -4.07 -18.68
N GLY B 69 2.90 -4.49 -19.83
CA GLY B 69 3.69 -3.63 -20.70
C GLY B 69 5.11 -3.40 -20.19
N VAL B 70 5.59 -4.26 -19.29
CA VAL B 70 6.91 -4.07 -18.71
C VAL B 70 7.96 -5.03 -19.28
N SER B 71 7.52 -6.24 -19.63
CA SER B 71 8.38 -7.24 -20.23
C SER B 71 8.03 -7.37 -21.70
N PRO B 72 9.00 -7.82 -22.50
CA PRO B 72 8.68 -8.06 -23.90
C PRO B 72 7.67 -9.19 -24.01
N GLU B 73 6.88 -9.16 -25.08
CA GLU B 73 5.91 -10.21 -25.40
C GLU B 73 6.50 -11.60 -25.29
N VAL B 74 5.74 -12.51 -24.69
CA VAL B 74 6.13 -13.91 -24.63
C VAL B 74 5.33 -14.61 -25.71
N LEU B 75 6.04 -15.06 -26.74
CA LEU B 75 5.42 -15.73 -27.88
C LEU B 75 5.38 -17.24 -27.74
N HIS B 76 6.15 -17.83 -26.83
CA HIS B 76 6.21 -19.29 -26.67
C HIS B 76 6.94 -19.70 -25.39
N VAL B 77 6.33 -20.56 -24.61
CA VAL B 77 7.04 -21.20 -23.51
C VAL B 77 6.73 -22.68 -23.56
N ASP B 78 7.76 -23.51 -23.47
CA ASP B 78 7.62 -24.97 -23.46
C ASP B 78 7.74 -25.35 -21.99
N PRO B 79 6.83 -26.22 -21.50
CA PRO B 79 6.99 -26.66 -20.09
C PRO B 79 8.22 -27.56 -19.93
N ALA B 80 8.28 -28.61 -20.75
CA ALA B 80 9.38 -29.57 -20.74
C ALA B 80 10.77 -28.92 -20.81
N THR B 81 11.03 -28.23 -21.93
CA THR B 81 12.37 -27.75 -22.25
C THR B 81 12.89 -26.52 -21.51
N GLY B 82 11.99 -25.67 -21.01
CA GLY B 82 12.40 -24.41 -20.39
C GLY B 82 12.95 -23.47 -21.44
N VAL B 83 12.43 -23.62 -22.66
CA VAL B 83 12.74 -22.71 -23.74
C VAL B 83 11.65 -21.69 -23.72
N VAL B 85 10.45 -18.24 -26.17
CA VAL B 85 10.66 -17.34 -27.29
C VAL B 85 9.98 -16.01 -26.98
N THR B 86 10.76 -14.93 -27.00
CA THR B 86 10.22 -13.58 -26.82
C THR B 86 10.51 -12.77 -28.07
N ARG B 87 9.96 -11.56 -28.13
CA ARG B 87 10.21 -10.70 -29.27
C ARG B 87 11.48 -9.91 -29.00
N TYR B 88 12.31 -9.74 -30.03
CA TYR B 88 13.55 -9.00 -29.91
C TYR B 88 13.31 -7.51 -30.04
N ILE B 89 13.83 -6.75 -29.06
CA ILE B 89 13.69 -5.30 -29.03
C ILE B 89 14.87 -4.66 -29.77
N ALA B 90 14.62 -4.22 -30.99
CA ALA B 90 15.66 -3.58 -31.79
C ALA B 90 16.03 -2.22 -31.20
N GLY B 91 17.29 -1.84 -31.35
CA GLY B 91 17.78 -0.56 -30.84
C GLY B 91 17.65 -0.38 -29.34
N ALA B 92 17.82 -1.48 -28.60
CA ALA B 92 17.69 -1.46 -27.16
C ALA B 92 19.04 -1.83 -26.58
N GLN B 93 19.42 -1.19 -25.50
CA GLN B 93 20.72 -1.43 -24.89
C GLN B 93 20.61 -2.24 -23.59
N THR B 94 21.36 -3.33 -23.50
CA THR B 94 21.46 -4.08 -22.25
C THR B 94 22.23 -3.26 -21.25
N SER B 96 23.98 -2.01 -17.42
CA SER B 96 25.06 -2.40 -16.51
C SER B 96 25.34 -1.20 -15.58
N PRO B 97 26.07 -1.44 -14.48
CA PRO B 97 26.38 -0.28 -13.64
C PRO B 97 26.91 0.90 -14.47
N GLU B 98 27.95 0.64 -15.26
CA GLU B 98 28.57 1.68 -16.04
C GLU B 98 27.52 2.44 -16.88
N LYS B 99 26.68 1.72 -17.62
CA LYS B 99 25.69 2.41 -18.46
C LYS B 99 24.65 3.21 -17.65
N PHE B 100 24.46 2.84 -16.38
CA PHE B 100 23.52 3.56 -15.52
C PHE B 100 24.03 4.92 -15.08
N LYS B 101 25.36 5.11 -15.09
CA LYS B 101 26.00 6.40 -14.87
C LYS B 101 26.13 7.13 -16.20
N THR B 102 26.37 6.38 -17.27
CA THR B 102 26.62 6.90 -18.62
C THR B 102 25.41 7.44 -19.39
N ARG B 103 24.28 6.77 -19.30
CA ARG B 103 23.11 7.14 -20.10
C ARG B 103 22.18 8.00 -19.25
N PRO B 104 22.16 9.31 -19.51
CA PRO B 104 21.38 10.18 -18.63
C PRO B 104 19.90 9.82 -18.59
N GLY B 105 19.32 9.81 -17.39
CA GLY B 105 17.92 9.49 -17.23
C GLY B 105 17.60 8.02 -17.13
N SER B 106 18.63 7.17 -17.24
CA SER B 106 18.44 5.73 -17.12
C SER B 106 17.91 5.28 -15.75
N PRO B 107 18.45 5.82 -14.65
CA PRO B 107 17.83 5.45 -13.38
C PRO B 107 16.34 5.81 -13.32
N ALA B 108 15.99 6.95 -13.88
CA ALA B 108 14.62 7.41 -13.90
C ALA B 108 13.77 6.49 -14.75
N ARG B 109 14.34 6.06 -15.86
CA ARG B 109 13.62 5.11 -16.72
C ARG B 109 13.39 3.76 -16.02
N ALA B 110 14.34 3.35 -15.19
CA ALA B 110 14.17 2.16 -14.37
C ALA B 110 12.99 2.34 -13.38
N GLY B 111 12.98 3.49 -12.69
CA GLY B 111 11.89 3.80 -11.79
C GLY B 111 10.52 3.82 -12.46
N GLU B 112 10.46 4.36 -13.69
CA GLU B 112 9.22 4.39 -14.45
C GLU B 112 8.82 2.95 -14.74
N ALA B 113 9.76 2.09 -15.09
CA ALA B 113 9.41 0.70 -15.37
C ALA B 113 8.83 0.01 -14.12
N PHE B 114 9.55 0.12 -12.99
CA PHE B 114 9.04 -0.41 -11.75
C PHE B 114 7.67 0.14 -11.44
N ARG B 115 7.49 1.43 -11.64
CA ARG B 115 6.21 2.09 -11.36
C ARG B 115 5.09 1.43 -12.15
N LYS B 116 5.33 1.21 -13.45
CA LYS B 116 4.35 0.61 -14.33
C LYS B 116 4.07 -0.80 -13.85
N LEU B 117 5.13 -1.51 -13.47
CA LEU B 117 4.98 -2.87 -13.00
C LEU B 117 4.13 -2.95 -11.76
N HIS B 118 4.60 -2.29 -10.71
CA HIS B 118 3.94 -2.33 -9.41
C HIS B 118 2.54 -1.76 -9.50
N GLY B 119 2.33 -0.78 -10.36
CA GLY B 119 1.01 -0.22 -10.56
C GLY B 119 0.10 -1.04 -11.46
N SER B 120 0.59 -2.14 -12.00
CA SER B 120 -0.20 -2.92 -12.95
C SER B 120 -1.15 -3.88 -12.28
N GLY B 121 -1.90 -4.61 -13.09
CA GLY B 121 -2.79 -5.64 -12.59
C GLY B 121 -2.10 -7.01 -12.58
N ALA B 122 -0.81 -7.03 -12.91
CA ALA B 122 -0.02 -8.26 -12.87
C ALA B 122 -0.28 -8.97 -11.56
N VAL B 123 -0.44 -10.28 -11.61
CA VAL B 123 -0.62 -11.10 -10.42
C VAL B 123 0.46 -12.17 -10.47
N PHE B 124 1.34 -12.23 -9.47
CA PHE B 124 2.35 -13.30 -9.40
C PHE B 124 1.95 -14.28 -8.31
N PRO B 125 2.08 -15.59 -8.57
CA PRO B 125 1.52 -16.62 -7.69
C PRO B 125 2.22 -16.77 -6.36
N PHE B 126 3.53 -16.55 -6.32
CA PHE B 126 4.29 -16.81 -5.12
C PHE B 126 4.67 -15.55 -4.36
N ARG B 127 4.82 -15.71 -3.06
CA ARG B 127 5.16 -14.64 -2.14
C ARG B 127 6.65 -14.67 -1.96
N PHE B 128 7.29 -13.51 -2.02
CA PHE B 128 8.71 -13.39 -1.79
C PHE B 128 8.97 -13.42 -0.30
N GLU B 129 9.75 -14.40 0.16
CA GLU B 129 9.99 -14.61 1.58
C GLU B 129 11.43 -14.31 1.96
N LEU B 130 11.72 -13.03 2.20
CA LEU B 130 13.10 -12.58 2.41
C LEU B 130 13.77 -13.24 3.62
N PHE B 131 13.13 -13.17 4.78
CA PHE B 131 13.72 -13.72 5.99
C PHE B 131 13.58 -15.22 6.15
N ALA B 132 12.62 -15.81 5.45
CA ALA B 132 12.51 -17.28 5.43
C ALA B 132 13.77 -17.78 4.76
N ILE B 134 16.63 -16.26 4.32
CA ILE B 134 17.81 -15.94 5.11
C ILE B 134 18.03 -16.96 6.22
N ASP B 135 16.99 -17.22 7.01
CA ASP B 135 17.05 -18.21 8.09
C ASP B 135 17.44 -19.59 7.56
N ASP B 136 16.90 -19.91 6.40
CA ASP B 136 17.15 -21.17 5.74
C ASP B 136 18.66 -21.29 5.48
N TYR B 137 19.23 -20.32 4.79
CA TYR B 137 20.66 -20.34 4.50
C TYR B 137 21.54 -20.34 5.75
N LEU B 138 21.11 -19.62 6.77
CA LEU B 138 21.82 -19.62 8.04
C LEU B 138 21.96 -21.04 8.58
N LYS B 139 20.88 -21.81 8.46
CA LYS B 139 20.84 -23.20 8.93
C LYS B 139 21.70 -24.11 8.05
N VAL B 140 21.62 -23.93 6.74
CA VAL B 140 22.41 -24.75 5.83
C VAL B 140 23.90 -24.48 6.04
N LEU B 141 24.24 -23.20 6.22
CA LEU B 141 25.64 -22.82 6.44
C LEU B 141 26.12 -23.26 7.81
N SER B 142 25.18 -23.59 8.70
CA SER B 142 25.55 -24.14 10.00
C SER B 142 26.28 -25.48 9.89
N THR B 143 26.02 -26.23 8.83
CA THR B 143 26.61 -27.56 8.64
C THR B 143 27.62 -27.60 7.48
N LYS B 144 28.14 -26.46 7.06
CA LYS B 144 29.01 -26.39 5.87
C LYS B 144 30.43 -26.01 6.24
N ASN B 145 31.40 -26.59 5.55
CA ASN B 145 32.81 -26.35 5.85
C ASN B 145 33.31 -25.18 4.99
N VAL B 146 32.99 -23.98 5.43
CA VAL B 146 33.33 -22.80 4.66
C VAL B 146 33.68 -21.69 5.63
N THR B 147 34.61 -20.84 5.23
CA THR B 147 35.00 -19.70 6.06
C THR B 147 33.96 -18.61 5.98
N LEU B 148 33.41 -18.23 7.12
CA LEU B 148 32.49 -17.09 7.23
C LEU B 148 33.37 -15.85 7.46
N PRO B 149 32.93 -14.68 6.99
CA PRO B 149 33.72 -13.46 7.16
C PRO B 149 33.59 -12.79 8.52
N ALA B 150 34.47 -11.83 8.81
CA ALA B 150 34.49 -11.15 10.11
C ALA B 150 33.19 -10.41 10.35
N GLY B 151 32.60 -10.59 11.54
CA GLY B 151 31.35 -9.92 11.92
C GLY B 151 30.12 -10.55 11.28
N TYR B 152 30.28 -11.79 10.86
CA TYR B 152 29.19 -12.54 10.29
C TYR B 152 28.00 -12.56 11.24
N HIS B 153 28.27 -12.90 12.50
CA HIS B 153 27.21 -13.00 13.49
C HIS B 153 26.61 -11.65 13.92
N ASP B 154 27.38 -10.57 13.82
CA ASP B 154 26.86 -9.25 14.14
C ASP B 154 25.84 -8.83 13.09
N VAL B 155 26.28 -8.89 11.84
CA VAL B 155 25.38 -8.57 10.75
C VAL B 155 24.07 -9.37 10.89
N VAL B 156 24.16 -10.67 11.17
CA VAL B 156 22.97 -11.49 11.30
C VAL B 156 22.12 -11.03 12.50
N ARG B 157 22.79 -10.75 13.62
CA ARG B 157 22.09 -10.27 14.81
C ARG B 157 21.44 -8.91 14.52
N GLU B 158 22.20 -8.00 13.94
CA GLU B 158 21.64 -6.69 13.58
C GLU B 158 20.49 -6.82 12.59
N ALA B 159 20.55 -7.84 11.70
CA ALA B 159 19.46 -8.03 10.71
C ALA B 159 18.15 -8.34 11.41
N GLY B 160 18.25 -8.89 12.62
CA GLY B 160 17.07 -9.11 13.44
C GLY B 160 16.36 -7.80 13.77
N GLY B 161 17.13 -6.75 13.98
CA GLY B 161 16.55 -5.44 14.25
C GLY B 161 15.92 -4.84 13.01
N VAL B 162 16.54 -5.12 11.87
CA VAL B 162 16.05 -4.66 10.59
C VAL B 162 14.72 -5.33 10.29
N ARG B 163 14.66 -6.63 10.54
CA ARG B 163 13.46 -7.43 10.35
C ARG B 163 12.31 -6.88 11.16
N SER B 164 12.66 -6.62 12.41
CA SER B 164 11.73 -6.09 13.38
C SER B 164 11.20 -4.71 12.99
N ALA B 165 12.08 -3.87 12.44
CA ALA B 165 11.71 -2.55 11.93
C ALA B 165 10.72 -2.68 10.76
N LEU B 166 10.97 -3.64 9.87
CA LEU B 166 10.07 -3.88 8.74
C LEU B 166 8.71 -4.47 9.19
N ALA B 167 8.70 -5.15 10.34
CA ALA B 167 7.46 -5.77 10.85
C ALA B 167 6.70 -4.81 11.73
N ALA B 168 7.36 -3.74 12.16
CA ALA B 168 6.71 -2.71 12.96
C ALA B 168 5.48 -2.07 12.27
N HIS B 169 5.35 -2.18 10.95
CA HIS B 169 4.21 -1.55 10.25
C HIS B 169 3.84 -2.33 9.02
N PRO B 170 2.56 -2.34 8.65
CA PRO B 170 2.09 -2.96 7.42
C PRO B 170 2.85 -2.40 6.22
N LEU B 171 3.35 -3.27 5.35
CA LEU B 171 4.07 -2.83 4.15
C LEU B 171 3.21 -3.16 2.98
N PRO B 172 3.24 -2.32 1.96
CA PRO B 172 2.41 -2.62 0.78
C PRO B 172 2.98 -3.86 0.09
N LEU B 173 2.18 -4.48 -0.78
CA LEU B 173 2.53 -5.71 -1.48
C LEU B 173 2.28 -5.50 -2.97
N ALA B 174 3.32 -5.72 -3.78
CA ALA B 174 3.18 -5.51 -5.19
C ALA B 174 3.82 -6.66 -5.95
N ALA B 175 3.44 -6.83 -7.21
CA ALA B 175 4.09 -7.76 -8.11
C ALA B 175 5.52 -7.26 -8.40
N CYS B 176 6.52 -7.87 -7.78
CA CYS B 176 7.92 -7.44 -7.97
C CYS B 176 8.80 -8.39 -8.77
N HIS B 177 9.74 -7.82 -9.48
CA HIS B 177 10.70 -8.62 -10.25
C HIS B 177 11.62 -9.39 -9.32
N CYS B 178 12.07 -8.76 -8.23
CA CYS B 178 12.85 -9.41 -7.18
C CYS B 178 14.34 -9.68 -7.40
N ASP B 179 14.79 -9.71 -8.65
CA ASP B 179 16.23 -9.80 -8.91
C ASP B 179 16.60 -8.90 -10.06
N PRO B 180 16.35 -7.58 -9.94
CA PRO B 180 16.59 -6.60 -11.01
C PRO B 180 18.05 -6.24 -11.27
N LEU B 181 18.84 -7.24 -11.69
CA LEU B 181 20.22 -7.00 -12.09
C LEU B 181 20.21 -6.00 -13.26
N CYS B 182 21.27 -5.22 -13.38
CA CYS B 182 21.39 -4.26 -14.46
C CYS B 182 21.16 -4.91 -15.83
N GLU B 183 21.68 -6.10 -16.02
CA GLU B 183 21.57 -6.85 -17.28
C GLU B 183 20.14 -7.19 -17.67
N ASN B 184 19.26 -7.26 -16.68
CA ASN B 184 17.86 -7.51 -16.95
C ASN B 184 17.09 -6.32 -17.51
N PHE B 185 17.75 -5.19 -17.69
CA PHE B 185 17.09 -4.01 -18.23
C PHE B 185 17.53 -3.76 -19.65
N LEU B 186 16.56 -3.57 -20.55
CA LEU B 186 16.84 -3.23 -21.94
C LEU B 186 16.36 -1.81 -22.14
N ASP B 187 17.28 -0.91 -22.51
CA ASP B 187 16.97 0.51 -22.59
C ASP B 187 16.84 1.02 -24.01
N THR B 188 15.65 1.45 -24.41
CA THR B 188 15.57 2.10 -25.70
C THR B 188 16.10 3.48 -25.36
N GLY B 189 15.77 4.50 -26.11
CA GLY B 189 16.18 5.81 -25.64
C GLY B 189 15.29 6.31 -24.50
N GLU B 190 14.02 5.91 -24.57
CA GLU B 190 12.96 6.51 -23.80
C GLU B 190 12.25 5.60 -22.79
N ARG B 191 12.51 4.31 -22.82
CA ARG B 191 11.89 3.42 -21.90
C ARG B 191 12.68 2.15 -21.69
N TRP B 193 12.63 -1.92 -20.71
CA TRP B 193 11.90 -3.14 -20.59
C TRP B 193 12.70 -3.98 -19.60
N ILE B 194 12.03 -4.94 -18.96
CA ILE B 194 12.70 -5.82 -18.01
C ILE B 194 12.48 -7.26 -18.43
N VAL B 195 13.52 -8.09 -18.31
CA VAL B 195 13.45 -9.52 -18.64
C VAL B 195 13.95 -10.37 -17.45
N ASP B 196 13.81 -11.69 -17.58
CA ASP B 196 14.23 -12.68 -16.58
C ASP B 196 13.39 -12.63 -15.29
N TRP B 197 12.19 -13.18 -15.38
CA TRP B 197 11.23 -13.15 -14.30
C TRP B 197 11.21 -14.40 -13.43
N GLU B 198 12.30 -15.15 -13.41
CA GLU B 198 12.34 -16.43 -12.67
C GLU B 198 12.23 -16.28 -11.17
N TYR B 199 12.64 -15.15 -10.60
CA TYR B 199 12.55 -14.92 -9.15
C TYR B 199 11.36 -14.02 -8.75
N SER B 200 10.47 -13.75 -9.69
CA SER B 200 9.31 -12.88 -9.43
C SER B 200 8.41 -13.41 -8.35
N GLY B 201 7.73 -12.48 -7.67
CA GLY B 201 6.80 -12.79 -6.59
C GLY B 201 6.19 -11.53 -5.99
N ASN B 203 5.79 -8.90 -3.21
CA ASN B 203 6.84 -8.39 -2.33
C ASN B 203 6.62 -6.92 -2.02
N ASP B 204 7.45 -6.39 -1.14
CA ASP B 204 7.47 -4.97 -0.84
C ASP B 204 8.08 -4.31 -2.07
N PRO B 205 7.32 -3.45 -2.73
CA PRO B 205 7.81 -2.84 -3.98
C PRO B 205 9.19 -2.21 -3.86
N LEU B 206 9.50 -1.64 -2.70
CA LEU B 206 10.80 -1.04 -2.48
C LEU B 206 11.97 -2.05 -2.35
N TRP B 207 11.69 -3.35 -2.39
CA TRP B 207 12.77 -4.34 -2.50
C TRP B 207 13.41 -4.18 -3.89
N ASP B 208 12.58 -4.05 -4.92
CA ASP B 208 13.09 -3.90 -6.27
C ASP B 208 14.02 -2.69 -6.38
N LEU B 209 13.62 -1.58 -5.79
CA LEU B 209 14.42 -0.34 -5.84
C LEU B 209 15.75 -0.53 -5.16
N GLY B 210 15.70 -1.11 -3.96
CA GLY B 210 16.91 -1.36 -3.21
C GLY B 210 17.86 -2.30 -3.94
N ASP B 211 17.30 -3.36 -4.53
CA ASP B 211 18.08 -4.38 -5.21
C ASP B 211 18.81 -3.76 -6.41
N LEU B 212 18.07 -3.06 -7.27
CA LEU B 212 18.69 -2.43 -8.43
C LEU B 212 19.82 -1.52 -7.96
N SER B 213 19.55 -0.70 -6.95
CA SER B 213 20.54 0.24 -6.46
C SER B 213 21.87 -0.40 -6.05
N VAL B 214 21.80 -1.51 -5.31
CA VAL B 214 23.00 -2.23 -4.88
C VAL B 214 23.67 -2.95 -6.07
N GLU B 215 22.87 -3.46 -6.99
CA GLU B 215 23.38 -4.17 -8.15
C GLU B 215 24.01 -3.20 -9.12
N GLY B 216 23.44 -2.01 -9.24
CA GLY B 216 23.98 -0.98 -10.13
C GLY B 216 25.05 -0.08 -9.51
N LYS B 217 25.43 -0.33 -8.26
CA LYS B 217 26.39 0.54 -7.55
C LYS B 217 25.97 1.99 -7.63
N PHE B 218 24.67 2.24 -7.42
CA PHE B 218 24.10 3.57 -7.57
C PHE B 218 24.62 4.49 -6.49
N ASN B 219 25.02 5.70 -6.86
CA ASN B 219 25.39 6.69 -5.87
C ASN B 219 24.13 7.39 -5.41
N ALA B 220 24.26 8.27 -4.42
CA ALA B 220 23.13 9.03 -3.86
C ALA B 220 22.27 9.66 -4.92
N ASN B 221 22.90 10.30 -5.89
CA ASN B 221 22.18 11.03 -6.93
C ASN B 221 21.28 10.15 -7.78
N GLN B 222 21.80 8.98 -8.13
CA GLN B 222 21.05 8.04 -8.93
C GLN B 222 19.84 7.54 -8.13
N ASP B 223 20.06 7.28 -6.84
CA ASP B 223 18.99 6.85 -5.97
C ASP B 223 17.85 7.87 -5.97
N GLU B 224 18.20 9.15 -5.85
CA GLU B 224 17.17 10.19 -5.86
C GLU B 224 16.44 10.17 -7.20
N GLU B 225 17.19 10.15 -8.29
CA GLU B 225 16.59 10.11 -9.60
C GLU B 225 15.64 8.89 -9.74
N LEU B 226 16.07 7.75 -9.22
CA LEU B 226 15.25 6.52 -9.25
C LEU B 226 13.95 6.68 -8.46
N ARG B 228 12.56 9.39 -7.22
CA ARG B 228 11.73 10.48 -7.72
C ARG B 228 10.93 10.05 -8.93
N ALA B 229 11.53 9.31 -9.85
CA ALA B 229 10.76 8.85 -11.04
C ALA B 229 9.74 7.78 -10.61
N TYR B 230 10.10 6.97 -9.64
CA TYR B 230 9.21 5.92 -9.16
C TYR B 230 7.96 6.43 -8.43
N PHE B 231 8.16 7.39 -7.53
CA PHE B 231 7.10 7.85 -6.66
C PHE B 231 6.28 8.99 -7.25
N GLY B 232 6.84 9.68 -8.23
CA GLY B 232 6.15 10.83 -8.82
C GLY B 232 6.39 12.06 -7.97
N GLY B 233 7.42 12.01 -7.12
CA GLY B 233 7.78 13.08 -6.23
C GLY B 233 8.95 12.64 -5.34
N GLU B 234 9.59 13.59 -4.70
CA GLU B 234 10.71 13.24 -3.85
C GLU B 234 10.34 12.19 -2.78
N ALA B 235 11.22 11.22 -2.60
CA ALA B 235 11.00 10.17 -1.58
C ALA B 235 10.87 10.75 -0.20
N ARG B 236 10.22 10.01 0.69
CA ARG B 236 10.02 10.41 2.09
C ARG B 236 10.93 9.59 3.00
N PRO B 237 11.20 10.09 4.21
CA PRO B 237 12.17 9.37 5.08
C PRO B 237 11.92 7.89 5.31
N ALA B 238 10.65 7.48 5.40
CA ALA B 238 10.29 6.09 5.65
C ALA B 238 10.48 5.26 4.40
N GLU B 239 10.26 5.87 3.27
CA GLU B 239 10.44 5.22 2.00
C GLU B 239 11.93 5.01 1.78
N ARG B 240 12.66 6.12 1.83
CA ARG B 240 14.08 6.11 1.63
C ARG B 240 14.69 5.08 2.55
N GLY B 241 14.21 5.06 3.80
CA GLY B 241 14.68 4.11 4.81
C GLY B 241 14.51 2.65 4.38
N ARG B 242 13.37 2.35 3.78
CA ARG B 242 13.12 0.99 3.31
C ARG B 242 14.07 0.61 2.20
N VAL B 243 14.31 1.51 1.28
CA VAL B 243 15.22 1.22 0.18
C VAL B 243 16.60 0.91 0.75
N VAL B 244 17.10 1.79 1.61
CA VAL B 244 18.42 1.57 2.20
C VAL B 244 18.43 0.23 2.97
N ILE B 245 17.35 -0.09 3.67
CA ILE B 245 17.24 -1.35 4.42
C ILE B 245 17.35 -2.55 3.50
N TYR B 246 16.71 -2.47 2.35
CA TYR B 246 16.79 -3.55 1.37
C TYR B 246 18.16 -3.62 0.71
N LYS B 247 18.78 -2.47 0.44
CA LYS B 247 20.16 -2.50 -0.05
C LYS B 247 20.96 -3.47 0.84
N ALA B 248 20.84 -3.32 2.16
CA ALA B 248 21.60 -4.14 3.10
C ALA B 248 21.20 -5.59 3.01
N CYS B 250 19.53 -7.21 0.77
CA CYS B 250 19.80 -7.79 -0.54
C CYS B 250 21.22 -8.35 -0.58
N ASP B 251 22.19 -7.54 -0.20
CA ASP B 251 23.56 -8.01 -0.12
C ASP B 251 23.68 -9.21 0.82
N LEU B 252 23.01 -9.16 1.97
CA LEU B 252 23.11 -10.25 2.93
C LEU B 252 22.60 -11.55 2.33
N LEU B 253 21.43 -11.49 1.72
CA LEU B 253 20.82 -12.64 1.10
C LEU B 253 21.79 -13.35 0.17
N TRP B 254 22.30 -12.60 -0.78
CA TRP B 254 23.22 -13.16 -1.74
C TRP B 254 24.55 -13.57 -1.14
N THR B 255 25.05 -12.80 -0.18
CA THR B 255 26.26 -13.21 0.51
C THR B 255 26.12 -14.64 1.02
N LEU B 256 25.07 -14.90 1.80
CA LEU B 256 24.82 -16.22 2.38
C LEU B 256 24.67 -17.30 1.31
N TRP B 257 23.97 -16.97 0.22
CA TRP B 257 23.87 -17.85 -0.94
C TRP B 257 25.24 -18.21 -1.54
N GLY B 258 26.10 -17.21 -1.66
CA GLY B 258 27.43 -17.40 -2.18
C GLY B 258 28.31 -18.27 -1.30
N LEU B 259 28.16 -18.16 0.01
CA LEU B 259 28.88 -19.03 0.92
C LEU B 259 28.43 -20.48 0.71
N ILE B 260 27.13 -20.66 0.42
CA ILE B 260 26.58 -22.02 0.16
C ILE B 260 27.22 -22.63 -1.09
N GLN B 261 27.41 -21.79 -2.11
CA GLN B 261 28.07 -22.21 -3.33
C GLN B 261 29.54 -22.55 -3.08
N LEU B 262 30.22 -21.74 -2.28
CA LEU B 262 31.62 -21.98 -1.98
C LEU B 262 31.82 -23.32 -1.27
N ALA B 263 30.89 -23.65 -0.38
CA ALA B 263 30.95 -24.89 0.37
C ALA B 263 30.61 -26.09 -0.51
N ASN B 264 29.76 -25.86 -1.53
CA ASN B 264 29.36 -26.89 -2.49
C ASN B 264 30.27 -26.95 -3.74
N ASP B 265 31.33 -26.14 -3.73
CA ASP B 265 32.33 -26.10 -4.81
C ASP B 265 31.76 -25.89 -6.19
N ASN B 266 30.79 -24.99 -6.28
CA ASN B 266 30.26 -24.57 -7.56
C ASN B 266 31.44 -23.93 -8.27
N PRO B 267 31.77 -24.43 -9.49
CA PRO B 267 32.91 -23.88 -10.22
C PRO B 267 32.59 -22.74 -11.17
N VAL B 268 31.36 -22.24 -11.16
CA VAL B 268 30.94 -21.20 -12.11
C VAL B 268 31.61 -19.81 -11.94
N ASP B 269 32.07 -19.45 -10.73
CA ASP B 269 32.92 -18.24 -10.51
C ASP B 269 33.60 -18.18 -9.13
N ASP B 270 34.37 -17.11 -8.86
CA ASP B 270 35.13 -16.99 -7.61
C ASP B 270 34.20 -16.57 -6.49
N PHE B 271 33.43 -17.54 -6.02
CA PHE B 271 32.41 -17.30 -4.98
C PHE B 271 32.97 -16.74 -3.67
N ARG B 272 34.21 -17.07 -3.34
CA ARG B 272 34.83 -16.49 -2.16
C ARG B 272 34.83 -14.98 -2.34
N ALA B 273 35.35 -14.54 -3.48
CA ALA B 273 35.45 -13.13 -3.81
C ALA B 273 34.05 -12.50 -3.88
N TYR B 274 33.11 -13.24 -4.47
CA TYR B 274 31.72 -12.81 -4.56
C TYR B 274 31.11 -12.60 -3.18
N ALA B 275 31.15 -13.63 -2.35
CA ALA B 275 30.60 -13.55 -1.01
C ALA B 275 31.24 -12.42 -0.19
N ASP B 276 32.59 -12.41 -0.17
CA ASP B 276 33.34 -11.44 0.63
C ASP B 276 33.05 -10.01 0.21
N GLY B 277 32.83 -9.83 -1.09
CA GLY B 277 32.53 -8.50 -1.66
C GLY B 277 31.20 -7.92 -1.20
N ARG B 278 30.14 -8.68 -1.45
CA ARG B 278 28.77 -8.29 -1.09
C ARG B 278 28.57 -8.17 0.42
N PHE B 279 29.32 -8.94 1.20
CA PHE B 279 29.19 -8.88 2.65
C PHE B 279 29.79 -7.60 3.19
N ALA B 280 31.02 -7.32 2.76
CA ALA B 280 31.78 -6.14 3.20
C ALA B 280 31.04 -4.85 2.88
N ARG B 281 30.41 -4.80 1.71
CA ARG B 281 29.61 -3.65 1.30
C ARG B 281 28.40 -3.53 2.21
N CYS B 282 27.75 -4.66 2.44
CA CYS B 282 26.63 -4.74 3.37
C CYS B 282 27.00 -4.29 4.77
N LYS B 283 28.07 -4.86 5.31
CA LYS B 283 28.56 -4.50 6.66
C LYS B 283 28.89 -3.01 6.73
N ALA B 284 29.53 -2.51 5.68
CA ALA B 284 29.87 -1.09 5.60
C ALA B 284 28.61 -0.24 5.72
N LEU B 285 27.59 -0.61 4.97
CA LEU B 285 26.34 0.16 4.98
C LEU B 285 25.73 0.15 6.38
N GLU B 287 26.98 -0.16 9.16
CA GLU B 287 27.76 0.52 10.18
C GLU B 287 27.72 2.04 10.10
N THR B 288 27.28 2.60 8.97
CA THR B 288 27.23 4.03 8.84
C THR B 288 26.20 4.57 9.85
N PRO B 289 26.48 5.75 10.44
CA PRO B 289 25.47 6.29 11.36
C PRO B 289 24.16 6.67 10.63
N GLU B 290 24.24 6.87 9.31
CA GLU B 290 23.03 7.11 8.48
C GLU B 290 22.04 5.95 8.60
N PHE B 291 22.57 4.73 8.58
CA PHE B 291 21.74 3.54 8.58
C PHE B 291 20.81 3.44 9.77
N SER B 292 21.32 3.68 10.98
CA SER B 292 20.46 3.63 12.14
C SER B 292 19.33 4.66 12.04
N ARG B 293 19.61 5.80 11.41
CA ARG B 293 18.58 6.80 11.15
C ARG B 293 17.52 6.28 10.17
N HIS B 294 17.98 5.63 9.12
CA HIS B 294 17.05 5.04 8.14
C HIS B 294 16.19 3.96 8.76
N LEU B 295 16.80 3.23 9.70
CA LEU B 295 16.14 2.14 10.41
C LEU B 295 15.09 2.73 11.33
N ALA B 296 15.50 3.74 12.09
CA ALA B 296 14.60 4.45 13.01
C ALA B 296 13.40 5.10 12.26
N ALA B 297 13.64 5.57 11.04
CA ALA B 297 12.57 6.13 10.21
C ALA B 297 11.59 5.04 9.83
N VAL B 298 12.10 3.87 9.47
CA VAL B 298 11.22 2.78 9.09
C VAL B 298 10.40 2.32 10.30
N ARG B 299 11.07 2.17 11.44
CA ARG B 299 10.42 1.73 12.66
C ARG B 299 9.31 2.69 13.10
N GLY B 301 7.55 4.77 11.10
CA GLY B 301 6.52 4.93 10.04
C GLY B 301 5.86 6.30 10.04
#